data_1N5J
#
_entry.id   1N5J
#
_cell.length_a   76.248
_cell.length_b   76.248
_cell.length_c   135.114
_cell.angle_alpha   90.00
_cell.angle_beta   90.00
_cell.angle_gamma   120.00
#
_symmetry.space_group_name_H-M   'P 65 2 2'
#
loop_
_entity.id
_entity.type
_entity.pdbx_description
1 polymer 'THYMIDYLATE KINASE'
2 non-polymer 'SULFATE ION'
3 non-polymer 'MAGNESIUM ION'
4 non-polymer "THYMIDINE-5'-DIPHOSPHATE"
5 non-polymer "THYMIDINE-5'-TRIPHOSPHATE"
6 water water
#
_entity_poly.entity_id   1
_entity_poly.type   'polypeptide(L)'
_entity_poly.pdbx_seq_one_letter_code
;MLIAIEGVDGAGKRTLVEKLSGAFRAAGRSVATLAFPRYGQSVAADIAAEALHGEHGDLASSVYAMATLFALDRAGAVHT
IQGLCRGYDVVILDRYVASNAAYSAARLHENAAGKAAAWVQRIEFARLGLPKPDWQVLLAVSAELAGERSRGRAQRDPGR
ARDNYERDAELQQRTGAVYAELAAQGWGGRWLVVGADVDPGRLAATLAPPDVPS
;
_entity_poly.pdbx_strand_id   A
#
loop_
_chem_comp.id
_chem_comp.type
_chem_comp.name
_chem_comp.formula
MG non-polymer 'MAGNESIUM ION' 'Mg 2'
SO4 non-polymer 'SULFATE ION' 'O4 S -2'
TTP non-polymer THYMIDINE-5'-TRIPHOSPHATE 'C10 H17 N2 O14 P3'
TYD non-polymer THYMIDINE-5'-DIPHOSPHATE 'C10 H16 N2 O11 P2'
#
# COMPACT_ATOMS: atom_id res chain seq x y z
N MET A 1 -0.83 -13.18 12.62
CA MET A 1 -1.79 -12.49 11.72
C MET A 1 -1.10 -11.43 10.88
N LEU A 2 -1.49 -11.37 9.61
CA LEU A 2 -0.92 -10.42 8.67
C LEU A 2 -1.95 -9.39 8.25
N ILE A 3 -1.66 -8.12 8.53
CA ILE A 3 -2.55 -7.02 8.21
C ILE A 3 -1.87 -6.04 7.27
N ALA A 4 -2.60 -5.60 6.25
CA ALA A 4 -2.06 -4.64 5.31
C ALA A 4 -2.88 -3.36 5.38
N ILE A 5 -2.22 -2.22 5.46
CA ILE A 5 -2.89 -0.93 5.50
C ILE A 5 -2.76 -0.33 4.10
N GLU A 6 -3.90 -0.01 3.49
CA GLU A 6 -3.93 0.52 2.14
C GLU A 6 -4.58 1.89 2.05
N GLY A 7 -4.34 2.58 0.94
CA GLY A 7 -4.91 3.90 0.75
C GLY A 7 -4.09 4.74 -0.20
N VAL A 8 -4.68 5.82 -0.69
CA VAL A 8 -3.98 6.69 -1.62
C VAL A 8 -2.85 7.43 -0.92
N ASP A 9 -2.07 8.18 -1.69
CA ASP A 9 -0.97 8.95 -1.13
C ASP A 9 -1.50 10.04 -0.22
N GLY A 10 -0.93 10.16 0.97
CA GLY A 10 -1.36 11.18 1.91
C GLY A 10 -2.65 10.83 2.64
N ALA A 11 -3.04 9.56 2.61
CA ALA A 11 -4.27 9.13 3.27
C ALA A 11 -4.08 9.04 4.80
N GLY A 12 -2.83 8.96 5.23
CA GLY A 12 -2.53 8.86 6.66
C GLY A 12 -2.17 7.46 7.10
N LYS A 13 -1.76 6.62 6.15
CA LYS A 13 -1.38 5.25 6.43
C LYS A 13 -0.26 5.05 7.44
N ARG A 14 0.85 5.77 7.26
N ARG A 14 0.84 5.76 7.27
CA ARG A 14 1.97 5.64 8.15
CA ARG A 14 1.99 5.63 8.16
C ARG A 14 1.56 5.85 9.61
C ARG A 14 1.59 5.88 9.61
N THR A 15 0.77 6.89 9.82
CA THR A 15 0.29 7.25 11.16
C THR A 15 -0.62 6.17 11.73
N LEU A 16 -1.52 5.65 10.92
CA LEU A 16 -2.42 4.60 11.39
C LEU A 16 -1.61 3.38 11.80
N VAL A 17 -0.55 3.09 11.05
CA VAL A 17 0.30 1.95 11.35
C VAL A 17 0.90 2.09 12.75
N GLU A 18 1.33 3.31 13.10
CA GLU A 18 1.93 3.55 14.40
C GLU A 18 0.88 3.49 15.51
N LYS A 19 -0.27 4.11 15.30
CA LYS A 19 -1.33 4.09 16.31
C LYS A 19 -1.86 2.67 16.49
N LEU A 20 -1.96 1.93 15.40
CA LEU A 20 -2.46 0.56 15.45
C LEU A 20 -1.44 -0.34 16.18
N SER A 21 -0.15 -0.16 15.88
CA SER A 21 0.88 -0.95 16.53
C SER A 21 0.79 -0.71 18.04
N GLY A 22 0.58 0.56 18.40
CA GLY A 22 0.46 0.90 19.80
C GLY A 22 -0.73 0.24 20.47
N ALA A 23 -1.85 0.18 19.76
CA ALA A 23 -3.07 -0.42 20.31
C ALA A 23 -2.86 -1.92 20.53
N PHE A 24 -2.26 -2.59 19.55
CA PHE A 24 -2.00 -4.02 19.68
C PHE A 24 -1.08 -4.30 20.87
N ARG A 25 -0.05 -3.49 21.02
CA ARG A 25 0.89 -3.67 22.12
C ARG A 25 0.22 -3.41 23.46
N ALA A 26 -0.70 -2.46 23.48
CA ALA A 26 -1.43 -2.14 24.71
C ALA A 26 -2.28 -3.34 25.09
N ALA A 27 -2.58 -4.18 24.10
CA ALA A 27 -3.39 -5.38 24.31
C ALA A 27 -2.53 -6.60 24.60
N GLY A 28 -1.23 -6.38 24.78
CA GLY A 28 -0.33 -7.49 25.09
C GLY A 28 0.19 -8.31 23.93
N ARG A 29 -0.03 -7.83 22.70
CA ARG A 29 0.43 -8.56 21.53
C ARG A 29 1.73 -7.99 20.96
N SER A 30 2.63 -8.88 20.53
CA SER A 30 3.90 -8.45 19.95
C SER A 30 3.62 -8.02 18.52
N VAL A 31 4.20 -6.89 18.11
CA VAL A 31 3.97 -6.37 16.77
C VAL A 31 5.22 -6.01 15.96
N ALA A 32 5.17 -6.30 14.66
CA ALA A 32 6.25 -5.97 13.75
C ALA A 32 5.62 -5.26 12.55
N THR A 33 6.31 -4.26 12.00
CA THR A 33 5.79 -3.54 10.85
C THR A 33 6.81 -3.47 9.73
N LEU A 34 6.30 -3.50 8.49
CA LEU A 34 7.15 -3.44 7.31
C LEU A 34 6.45 -2.57 6.28
N ALA A 35 7.19 -1.66 5.65
CA ALA A 35 6.60 -0.78 4.65
C ALA A 35 7.10 -1.04 3.24
N PHE A 36 6.19 -0.95 2.27
CA PHE A 36 6.53 -1.14 0.87
C PHE A 36 6.25 0.21 0.20
N PRO A 37 7.09 0.62 -0.77
CA PRO A 37 8.28 -0.08 -1.29
C PRO A 37 9.40 -0.08 -0.25
N ARG A 38 10.21 -1.13 -0.27
CA ARG A 38 11.33 -1.24 0.68
C ARG A 38 12.55 -0.48 0.17
N TYR A 39 12.47 0.86 0.24
N TYR A 39 12.44 0.85 0.14
CA TYR A 39 13.58 1.75 -0.21
CA TYR A 39 13.55 1.68 -0.33
C TYR A 39 14.86 1.44 0.45
C TYR A 39 14.82 1.33 0.41
N GLY A 40 15.92 1.30 -0.33
CA GLY A 40 17.22 0.96 0.25
C GLY A 40 17.51 -0.54 0.34
N GLN A 41 16.47 -1.37 0.43
CA GLN A 41 16.68 -2.82 0.52
C GLN A 41 16.39 -3.56 -0.78
N SER A 42 15.71 -2.89 -1.70
CA SER A 42 15.35 -3.48 -2.98
C SER A 42 15.78 -2.56 -4.11
N VAL A 43 16.61 -3.07 -5.03
CA VAL A 43 17.05 -2.28 -6.17
C VAL A 43 15.82 -1.91 -7.00
N ALA A 44 14.92 -2.88 -7.17
CA ALA A 44 13.71 -2.65 -7.93
C ALA A 44 12.91 -1.48 -7.34
N ALA A 45 12.80 -1.46 -6.01
CA ALA A 45 12.06 -0.40 -5.35
C ALA A 45 12.71 0.97 -5.55
N ASP A 46 14.04 1.02 -5.42
CA ASP A 46 14.77 2.27 -5.60
C ASP A 46 14.63 2.79 -7.02
N ILE A 47 14.78 1.90 -8.00
CA ILE A 47 14.65 2.31 -9.39
C ILE A 47 13.23 2.84 -9.65
N ALA A 48 12.24 2.18 -9.08
CA ALA A 48 10.84 2.58 -9.25
C ALA A 48 10.65 4.03 -8.77
N ALA A 49 11.13 4.31 -7.56
CA ALA A 49 11.00 5.65 -6.98
C ALA A 49 11.72 6.67 -7.85
N GLU A 50 12.93 6.32 -8.27
CA GLU A 50 13.72 7.20 -9.11
C GLU A 50 13.01 7.48 -10.42
N ALA A 51 12.35 6.46 -10.97
CA ALA A 51 11.61 6.63 -12.23
C ALA A 51 10.45 7.62 -12.02
N LEU A 52 9.77 7.52 -10.89
CA LEU A 52 8.64 8.40 -10.61
C LEU A 52 9.09 9.84 -10.36
N HIS A 53 10.39 10.02 -10.17
CA HIS A 53 10.91 11.37 -9.96
C HIS A 53 11.64 11.90 -11.20
N GLY A 54 11.42 11.25 -12.34
CA GLY A 54 12.01 11.72 -13.58
C GLY A 54 13.19 11.00 -14.18
N GLU A 55 13.69 9.96 -13.54
CA GLU A 55 14.85 9.26 -14.09
C GLU A 55 14.49 7.99 -14.86
N HIS A 56 15.51 7.36 -15.40
CA HIS A 56 15.36 6.10 -16.15
C HIS A 56 14.48 6.12 -17.38
N GLY A 57 14.72 7.11 -18.24
CA GLY A 57 13.99 7.22 -19.49
C GLY A 57 12.50 7.00 -19.48
N ASP A 58 12.04 6.09 -20.34
CA ASP A 58 10.62 5.78 -20.50
C ASP A 58 10.06 4.72 -19.55
N LEU A 59 10.80 4.36 -18.52
CA LEU A 59 10.35 3.32 -17.59
C LEU A 59 9.01 3.62 -16.94
N ALA A 60 8.88 4.79 -16.33
CA ALA A 60 7.65 5.18 -15.65
C ALA A 60 6.42 5.27 -16.54
N SER A 61 6.62 5.43 -17.85
CA SER A 61 5.50 5.55 -18.78
C SER A 61 4.79 4.21 -18.95
N SER A 62 5.45 3.12 -18.57
CA SER A 62 4.85 1.79 -18.66
C SER A 62 4.15 1.42 -17.36
N VAL A 63 2.85 1.15 -17.44
CA VAL A 63 2.09 0.79 -16.26
C VAL A 63 2.55 -0.56 -15.72
N TYR A 64 2.76 -1.51 -16.61
CA TYR A 64 3.18 -2.85 -16.19
C TYR A 64 4.63 -2.91 -15.71
N ALA A 65 5.48 -2.03 -16.23
CA ALA A 65 6.88 -1.98 -15.81
C ALA A 65 6.95 -1.58 -14.34
N MET A 66 6.21 -0.53 -14.00
CA MET A 66 6.18 -0.04 -12.62
C MET A 66 5.58 -1.11 -11.70
N ALA A 67 4.49 -1.73 -12.13
CA ALA A 67 3.87 -2.77 -11.33
C ALA A 67 4.85 -3.93 -11.11
N THR A 68 5.60 -4.29 -12.14
CA THR A 68 6.56 -5.37 -12.03
C THR A 68 7.66 -5.05 -11.02
N LEU A 69 8.14 -3.81 -11.02
CA LEU A 69 9.17 -3.43 -10.07
C LEU A 69 8.69 -3.56 -8.64
N PHE A 70 7.46 -3.12 -8.39
CA PHE A 70 6.91 -3.21 -7.04
C PHE A 70 6.67 -4.66 -6.65
N ALA A 71 6.31 -5.49 -7.63
CA ALA A 71 6.08 -6.91 -7.37
C ALA A 71 7.41 -7.61 -7.10
N LEU A 72 8.46 -7.21 -7.82
CA LEU A 72 9.78 -7.81 -7.62
C LEU A 72 10.32 -7.44 -6.25
N ASP A 73 9.95 -6.25 -5.79
CA ASP A 73 10.37 -5.81 -4.46
C ASP A 73 9.76 -6.76 -3.45
N ARG A 74 8.44 -6.92 -3.51
CA ARG A 74 7.75 -7.83 -2.60
C ARG A 74 8.20 -9.27 -2.74
N ALA A 75 8.57 -9.69 -3.94
CA ALA A 75 9.02 -11.07 -4.15
C ALA A 75 10.29 -11.31 -3.35
N GLY A 76 11.09 -10.27 -3.20
CA GLY A 76 12.33 -10.40 -2.45
C GLY A 76 12.12 -10.29 -0.94
N ALA A 77 10.88 -10.06 -0.53
CA ALA A 77 10.56 -9.93 0.88
C ALA A 77 9.76 -11.10 1.44
N VAL A 78 9.49 -12.10 0.61
CA VAL A 78 8.71 -13.27 1.05
C VAL A 78 9.23 -13.89 2.34
N HIS A 79 10.53 -14.18 2.37
CA HIS A 79 11.15 -14.79 3.54
C HIS A 79 11.04 -13.88 4.76
N THR A 80 11.26 -12.58 4.55
CA THR A 80 11.19 -11.62 5.62
C THR A 80 9.79 -11.61 6.23
N ILE A 81 8.78 -11.57 5.36
CA ILE A 81 7.39 -11.55 5.81
C ILE A 81 7.04 -12.80 6.59
N GLN A 82 7.35 -13.97 6.03
CA GLN A 82 7.04 -15.23 6.69
C GLN A 82 7.78 -15.31 8.02
N GLY A 83 8.99 -14.74 8.07
CA GLY A 83 9.77 -14.74 9.29
C GLY A 83 9.10 -13.92 10.38
N LEU A 84 8.61 -12.75 10.01
CA LEU A 84 7.93 -11.87 10.97
C LEU A 84 6.66 -12.52 11.50
N CYS A 85 5.93 -13.21 10.62
CA CYS A 85 4.68 -13.86 11.01
C CYS A 85 4.89 -14.94 12.07
N ARG A 86 6.00 -15.66 12.01
CA ARG A 86 6.24 -16.69 13.00
C ARG A 86 6.94 -16.14 14.25
N GLY A 87 7.41 -14.89 14.17
CA GLY A 87 8.09 -14.29 15.29
C GLY A 87 7.26 -13.32 16.12
N TYR A 88 6.22 -12.74 15.51
CA TYR A 88 5.36 -11.80 16.21
C TYR A 88 3.90 -12.20 16.11
N ASP A 89 3.09 -11.70 17.04
CA ASP A 89 1.66 -12.00 17.04
C ASP A 89 0.97 -11.32 15.86
N VAL A 90 1.38 -10.09 15.60
CA VAL A 90 0.81 -9.29 14.52
C VAL A 90 1.87 -8.65 13.64
N VAL A 91 1.67 -8.71 12.33
CA VAL A 91 2.59 -8.10 11.38
C VAL A 91 1.77 -7.13 10.55
N ILE A 92 2.13 -5.85 10.60
CA ILE A 92 1.41 -4.80 9.87
C ILE A 92 2.24 -4.31 8.69
N LEU A 93 1.65 -4.35 7.49
CA LEU A 93 2.34 -3.89 6.30
C LEU A 93 1.78 -2.54 5.87
N ASP A 94 2.67 -1.59 5.65
CA ASP A 94 2.29 -0.25 5.21
C ASP A 94 2.35 -0.37 3.68
N ARG A 95 1.19 -0.65 3.08
CA ARG A 95 1.05 -0.90 1.65
C ARG A 95 1.44 -2.34 1.38
N TYR A 96 0.75 -2.98 0.44
CA TYR A 96 1.03 -4.35 0.07
C TYR A 96 0.57 -4.59 -1.36
N VAL A 97 0.20 -5.83 -1.67
CA VAL A 97 -0.22 -6.17 -3.03
C VAL A 97 -1.37 -5.35 -3.61
N ALA A 98 -2.36 -5.03 -2.80
CA ALA A 98 -3.50 -4.26 -3.29
C ALA A 98 -3.09 -2.89 -3.84
N SER A 99 -2.00 -2.32 -3.31
CA SER A 99 -1.55 -1.02 -3.82
C SER A 99 -1.30 -1.16 -5.32
N ASN A 100 -0.64 -2.25 -5.73
CA ASN A 100 -0.34 -2.48 -7.14
C ASN A 100 -1.60 -2.60 -7.98
N ALA A 101 -2.60 -3.31 -7.46
CA ALA A 101 -3.86 -3.48 -8.18
C ALA A 101 -4.60 -2.16 -8.34
N ALA A 102 -4.69 -1.39 -7.26
CA ALA A 102 -5.40 -0.11 -7.29
C ALA A 102 -4.77 0.93 -8.21
N TYR A 103 -3.47 1.17 -8.07
CA TYR A 103 -2.80 2.16 -8.92
C TYR A 103 -2.66 1.74 -10.37
N SER A 104 -2.41 0.46 -10.61
CA SER A 104 -2.26 -0.03 -11.97
C SER A 104 -3.58 0.10 -12.73
N ALA A 105 -4.67 -0.29 -12.09
CA ALA A 105 -5.99 -0.20 -12.70
C ALA A 105 -6.32 1.26 -12.98
N ALA A 106 -6.06 2.12 -11.99
CA ALA A 106 -6.34 3.55 -12.12
C ALA A 106 -5.55 4.22 -13.24
N ARG A 107 -4.28 3.85 -13.39
CA ARG A 107 -3.47 4.45 -14.45
C ARG A 107 -4.06 4.07 -15.81
N LEU A 108 -4.65 2.88 -15.89
CA LEU A 108 -5.22 2.39 -17.15
C LEU A 108 -6.72 2.67 -17.26
N HIS A 109 -7.27 3.41 -16.29
CA HIS A 109 -8.69 3.74 -16.31
C HIS A 109 -9.59 2.50 -16.29
N GLU A 110 -9.12 1.46 -15.61
CA GLU A 110 -9.87 0.20 -15.49
C GLU A 110 -10.50 0.16 -14.09
N ASN A 111 -11.39 -0.80 -13.86
CA ASN A 111 -11.99 -0.93 -12.54
C ASN A 111 -11.39 -2.17 -11.85
N ALA A 112 -11.83 -2.46 -10.64
CA ALA A 112 -11.31 -3.59 -9.88
C ALA A 112 -11.52 -4.95 -10.55
N ALA A 113 -12.53 -5.07 -11.41
CA ALA A 113 -12.80 -6.34 -12.10
C ALA A 113 -12.05 -6.39 -13.42
N GLY A 114 -11.15 -5.44 -13.63
CA GLY A 114 -10.39 -5.38 -14.87
C GLY A 114 -9.14 -6.24 -15.02
N LYS A 115 -8.46 -6.00 -16.13
CA LYS A 115 -7.23 -6.71 -16.51
C LYS A 115 -6.04 -6.56 -15.57
N ALA A 116 -5.69 -5.33 -15.23
CA ALA A 116 -4.55 -5.08 -14.35
C ALA A 116 -4.69 -5.73 -12.98
N ALA A 117 -5.86 -5.60 -12.36
CA ALA A 117 -6.07 -6.20 -11.04
C ALA A 117 -5.93 -7.72 -11.12
N ALA A 118 -6.45 -8.29 -12.18
CA ALA A 118 -6.38 -9.73 -12.37
C ALA A 118 -4.93 -10.15 -12.58
N TRP A 119 -4.17 -9.32 -13.28
CA TRP A 119 -2.75 -9.61 -13.54
C TRP A 119 -1.96 -9.59 -12.23
N VAL A 120 -2.24 -8.62 -11.37
CA VAL A 120 -1.57 -8.52 -10.09
C VAL A 120 -1.87 -9.76 -9.25
N GLN A 121 -3.12 -10.19 -9.27
CA GLN A 121 -3.57 -11.38 -8.54
C GLN A 121 -2.78 -12.60 -9.01
N ARG A 122 -2.70 -12.81 -10.34
CA ARG A 122 -1.97 -13.95 -10.90
C ARG A 122 -0.47 -13.96 -10.63
N ILE A 123 0.16 -12.81 -10.81
CA ILE A 123 1.60 -12.70 -10.62
C ILE A 123 2.11 -12.68 -9.18
N GLU A 124 1.57 -11.80 -8.35
CA GLU A 124 2.04 -11.69 -6.98
C GLU A 124 1.61 -12.78 -6.00
N PHE A 125 0.32 -13.10 -5.98
CA PHE A 125 -0.16 -14.12 -5.05
C PHE A 125 0.11 -15.56 -5.51
N ALA A 126 -0.34 -15.91 -6.71
CA ALA A 126 -0.15 -17.27 -7.22
C ALA A 126 1.28 -17.57 -7.70
N ARG A 127 1.80 -16.75 -8.59
CA ARG A 127 3.13 -16.97 -9.14
C ARG A 127 4.30 -16.68 -8.20
N LEU A 128 4.34 -15.48 -7.63
CA LEU A 128 5.45 -15.12 -6.74
C LEU A 128 5.30 -15.64 -5.31
N GLY A 129 4.12 -16.16 -4.98
CA GLY A 129 3.91 -16.72 -3.66
C GLY A 129 3.74 -15.81 -2.46
N LEU A 130 3.39 -14.54 -2.69
CA LEU A 130 3.19 -13.63 -1.58
C LEU A 130 1.96 -14.10 -0.81
N PRO A 131 2.07 -14.18 0.53
CA PRO A 131 0.91 -14.63 1.31
C PRO A 131 -0.23 -13.63 1.27
N LYS A 132 -1.46 -14.14 1.23
CA LYS A 132 -2.61 -13.25 1.23
C LYS A 132 -2.84 -12.76 2.65
N PRO A 133 -3.08 -11.45 2.81
CA PRO A 133 -3.30 -10.89 4.14
C PRO A 133 -4.62 -11.32 4.79
N ASP A 134 -4.59 -11.47 6.12
CA ASP A 134 -5.80 -11.85 6.86
C ASP A 134 -6.76 -10.68 6.80
N TRP A 135 -6.20 -9.47 6.85
CA TRP A 135 -7.00 -8.25 6.79
C TRP A 135 -6.33 -7.21 5.92
N GLN A 136 -7.14 -6.42 5.23
CA GLN A 136 -6.66 -5.32 4.42
C GLN A 136 -7.52 -4.15 4.86
N VAL A 137 -6.88 -3.16 5.45
CA VAL A 137 -7.56 -1.98 5.95
C VAL A 137 -7.41 -0.81 5.00
N LEU A 138 -8.53 -0.37 4.43
CA LEU A 138 -8.51 0.75 3.52
C LEU A 138 -8.79 2.02 4.29
N LEU A 139 -7.81 2.90 4.35
CA LEU A 139 -7.98 4.17 5.03
C LEU A 139 -8.53 5.11 3.95
N ALA A 140 -9.85 5.16 3.86
CA ALA A 140 -10.52 5.99 2.86
C ALA A 140 -10.59 7.44 3.29
N VAL A 141 -10.14 8.33 2.40
CA VAL A 141 -10.14 9.76 2.66
C VAL A 141 -10.46 10.51 1.38
N SER A 142 -10.94 11.74 1.50
CA SER A 142 -11.27 12.51 0.31
C SER A 142 -9.99 12.75 -0.49
N ALA A 143 -10.11 12.70 -1.80
CA ALA A 143 -8.96 12.90 -2.68
C ALA A 143 -8.34 14.27 -2.45
N GLU A 144 -9.20 15.26 -2.22
CA GLU A 144 -8.73 16.62 -1.98
C GLU A 144 -7.86 16.72 -0.73
N LEU A 145 -8.34 16.17 0.38
CA LEU A 145 -7.59 16.22 1.63
C LEU A 145 -6.27 15.48 1.53
N ALA A 146 -6.31 14.29 0.92
CA ALA A 146 -5.10 13.49 0.77
C ALA A 146 -4.07 14.25 -0.08
N GLY A 147 -4.56 14.93 -1.12
CA GLY A 147 -3.66 15.68 -1.98
C GLY A 147 -3.03 16.84 -1.23
N GLU A 148 -3.80 17.45 -0.33
CA GLU A 148 -3.31 18.57 0.46
C GLU A 148 -2.20 18.11 1.40
N ARG A 149 -2.33 16.90 1.95
CA ARG A 149 -1.31 16.38 2.84
C ARG A 149 -0.04 16.08 2.06
N SER A 150 -0.18 15.61 0.82
CA SER A 150 0.97 15.30 -0.03
C SER A 150 1.73 16.58 -0.37
N ARG A 151 0.98 17.62 -0.72
CA ARG A 151 1.57 18.91 -1.04
C ARG A 151 2.25 19.51 0.19
N GLY A 152 1.60 19.40 1.34
CA GLY A 152 2.16 19.92 2.58
C GLY A 152 3.49 19.28 2.95
N ARG A 153 3.59 17.96 2.77
CA ARG A 153 4.81 17.23 3.08
C ARG A 153 5.98 17.74 2.26
N ALA A 154 5.73 17.96 0.97
CA ALA A 154 6.75 18.44 0.05
C ALA A 154 7.20 19.85 0.41
N GLN A 155 6.28 20.66 0.90
CA GLN A 155 6.59 22.04 1.27
C GLN A 155 7.53 22.17 2.46
N ARG A 156 7.37 21.28 3.44
CA ARG A 156 8.21 21.36 4.63
C ARG A 156 9.36 20.36 4.67
N ASP A 157 9.45 19.51 3.66
CA ASP A 157 10.53 18.51 3.62
C ASP A 157 11.10 18.40 2.21
N PRO A 158 12.30 18.96 1.98
CA PRO A 158 12.93 18.91 0.66
C PRO A 158 13.21 17.48 0.20
N GLY A 159 13.29 16.55 1.15
CA GLY A 159 13.53 15.16 0.80
C GLY A 159 12.28 14.41 0.44
N ARG A 160 11.13 15.09 0.45
CA ARG A 160 9.87 14.44 0.13
C ARG A 160 9.04 15.14 -0.97
N ALA A 161 9.71 15.57 -2.03
CA ALA A 161 9.00 16.22 -3.13
C ALA A 161 8.00 15.20 -3.70
N ARG A 162 6.91 15.67 -4.27
CA ARG A 162 5.93 14.74 -4.83
C ARG A 162 6.47 14.09 -6.10
N ASP A 163 5.95 12.92 -6.44
CA ASP A 163 6.38 12.21 -7.64
C ASP A 163 5.29 12.27 -8.71
N ASN A 164 5.52 11.58 -9.82
CA ASN A 164 4.57 11.58 -10.93
C ASN A 164 3.15 11.15 -10.56
N TYR A 165 3.02 10.16 -9.68
CA TYR A 165 1.69 9.71 -9.27
C TYR A 165 1.00 10.73 -8.37
N GLU A 166 1.75 11.27 -7.42
CA GLU A 166 1.23 12.25 -6.46
C GLU A 166 0.78 13.56 -7.10
N ARG A 167 1.44 13.95 -8.18
CA ARG A 167 1.10 15.18 -8.90
C ARG A 167 -0.11 14.99 -9.81
N ASP A 168 -0.53 13.75 -10.00
CA ASP A 168 -1.66 13.41 -10.86
C ASP A 168 -2.93 13.31 -9.99
N ALA A 169 -3.65 14.41 -9.86
CA ALA A 169 -4.86 14.45 -9.04
C ALA A 169 -5.93 13.47 -9.51
N GLU A 170 -6.13 13.39 -10.82
CA GLU A 170 -7.14 12.49 -11.38
C GLU A 170 -6.77 11.03 -11.10
N LEU A 171 -5.49 10.70 -11.18
CA LEU A 171 -5.05 9.33 -10.92
C LEU A 171 -5.34 9.00 -9.46
N GLN A 172 -5.03 9.94 -8.56
CA GLN A 172 -5.27 9.75 -7.14
C GLN A 172 -6.76 9.51 -6.88
N GLN A 173 -7.61 10.24 -7.60
CA GLN A 173 -9.07 10.09 -7.45
C GLN A 173 -9.51 8.71 -7.93
N ARG A 174 -9.05 8.31 -9.11
CA ARG A 174 -9.42 7.01 -9.66
C ARG A 174 -8.89 5.87 -8.80
N THR A 175 -7.71 6.07 -8.21
CA THR A 175 -7.11 5.04 -7.37
C THR A 175 -7.96 4.81 -6.12
N GLY A 176 -8.45 5.90 -5.55
CA GLY A 176 -9.29 5.78 -4.38
C GLY A 176 -10.55 4.99 -4.73
N ALA A 177 -11.10 5.23 -5.90
CA ALA A 177 -12.32 4.54 -6.34
C ALA A 177 -12.09 3.05 -6.57
N VAL A 178 -10.95 2.67 -7.13
CA VAL A 178 -10.67 1.26 -7.34
C VAL A 178 -10.49 0.58 -5.99
N TYR A 179 -9.84 1.28 -5.07
CA TYR A 179 -9.63 0.75 -3.72
C TYR A 179 -10.97 0.38 -3.09
N ALA A 180 -11.95 1.27 -3.21
CA ALA A 180 -13.27 1.02 -2.66
C ALA A 180 -13.90 -0.24 -3.27
N GLU A 181 -13.70 -0.46 -4.57
CA GLU A 181 -14.24 -1.64 -5.23
C GLU A 181 -13.54 -2.90 -4.73
N LEU A 182 -12.22 -2.84 -4.63
CA LEU A 182 -11.44 -3.97 -4.17
C LEU A 182 -11.94 -4.41 -2.80
N ALA A 183 -12.14 -3.45 -1.91
CA ALA A 183 -12.64 -3.75 -0.56
C ALA A 183 -14.03 -4.38 -0.62
N ALA A 184 -14.90 -3.81 -1.46
CA ALA A 184 -16.27 -4.31 -1.59
C ALA A 184 -16.32 -5.77 -2.04
N GLN A 185 -15.38 -6.18 -2.89
CA GLN A 185 -15.38 -7.56 -3.38
C GLN A 185 -14.44 -8.48 -2.60
N GLY A 186 -13.81 -7.94 -1.55
CA GLY A 186 -12.90 -8.74 -0.76
C GLY A 186 -11.73 -9.28 -1.55
N TRP A 187 -11.17 -8.43 -2.42
CA TRP A 187 -10.04 -8.82 -3.26
C TRP A 187 -8.83 -9.19 -2.41
N GLY A 188 -8.32 -10.41 -2.60
CA GLY A 188 -7.16 -10.86 -1.86
C GLY A 188 -7.40 -11.23 -0.40
N GLY A 189 -8.61 -11.00 0.09
CA GLY A 189 -8.92 -11.31 1.47
C GLY A 189 -9.95 -10.36 2.04
N ARG A 190 -10.27 -10.50 3.32
CA ARG A 190 -11.26 -9.64 3.94
C ARG A 190 -10.74 -8.22 4.11
N TRP A 191 -11.61 -7.24 3.86
CA TRP A 191 -11.24 -5.84 4.01
C TRP A 191 -12.05 -5.15 5.09
N LEU A 192 -11.52 -4.03 5.55
CA LEU A 192 -12.19 -3.21 6.54
C LEU A 192 -11.95 -1.79 6.04
N VAL A 193 -13.00 -1.00 5.90
CA VAL A 193 -12.86 0.38 5.44
C VAL A 193 -13.08 1.32 6.61
N VAL A 194 -12.09 2.18 6.86
CA VAL A 194 -12.17 3.12 7.97
C VAL A 194 -11.87 4.55 7.52
N GLY A 195 -12.22 5.51 8.36
CA GLY A 195 -11.97 6.89 8.05
C GLY A 195 -10.82 7.43 8.88
N ALA A 196 -10.53 8.71 8.73
CA ALA A 196 -9.44 9.35 9.46
C ALA A 196 -9.70 9.38 10.97
N ASP A 197 -10.97 9.31 11.36
CA ASP A 197 -11.34 9.36 12.78
C ASP A 197 -11.47 8.00 13.46
N VAL A 198 -11.09 6.93 12.76
CA VAL A 198 -11.19 5.59 13.34
C VAL A 198 -10.43 5.52 14.66
N ASP A 199 -10.97 4.76 15.61
CA ASP A 199 -10.34 4.59 16.91
C ASP A 199 -9.38 3.40 16.86
N PRO A 200 -8.07 3.65 17.06
CA PRO A 200 -7.04 2.60 17.03
C PRO A 200 -7.33 1.44 17.98
N GLY A 201 -7.91 1.75 19.13
CA GLY A 201 -8.23 0.70 20.10
C GLY A 201 -9.30 -0.26 19.62
N ARG A 202 -10.39 0.28 19.09
CA ARG A 202 -11.45 -0.58 18.59
C ARG A 202 -11.04 -1.26 17.29
N LEU A 203 -10.23 -0.59 16.49
CA LEU A 203 -9.77 -1.18 15.23
C LEU A 203 -8.90 -2.40 15.53
N ALA A 204 -8.02 -2.27 16.52
CA ALA A 204 -7.13 -3.37 16.88
C ALA A 204 -7.92 -4.55 17.45
N ALA A 205 -9.05 -4.25 18.09
CA ALA A 205 -9.91 -5.27 18.67
C ALA A 205 -10.58 -6.06 17.55
N THR A 206 -11.03 -5.35 16.53
CA THR A 206 -11.70 -5.97 15.39
C THR A 206 -10.71 -6.85 14.64
N LEU A 207 -9.47 -6.40 14.53
CA LEU A 207 -8.44 -7.14 13.82
C LEU A 207 -7.83 -8.29 14.62
N ALA A 208 -7.73 -8.11 15.94
CA ALA A 208 -7.17 -9.14 16.81
C ALA A 208 -8.19 -10.22 17.15
S SO4 B . 0.32 8.22 3.87
O1 SO4 B . 1.30 7.48 4.69
O2 SO4 B . -0.83 7.35 3.55
O3 SO4 B . -0.14 9.40 4.62
O4 SO4 B . 0.96 8.65 2.61
S SO4 C . 6.04 19.74 -5.02
O1 SO4 C . 6.72 20.90 -4.43
O2 SO4 C . 4.86 19.40 -4.21
O3 SO4 C . 5.61 20.06 -6.39
O4 SO4 C . 6.96 18.58 -5.04
MG MG D . 3.84 8.55 -2.21
MG MG D . 3.62 8.48 -2.29
PA TYD E . 4.64 5.37 -1.54
O1A TYD E . 4.38 4.44 -0.37
O2A TYD E . 3.77 6.51 -1.77
O3A TYD E . 6.14 5.94 -1.43
PB TYD E . 6.80 7.43 -1.35
O1B TYD E . 7.09 7.59 0.08
O2B TYD E . 5.75 8.42 -1.82
O3B TYD E . 7.98 7.32 -2.21
O5' TYD E . 4.67 4.49 -2.90
C5' TYD E . 5.22 5.04 -4.11
C4' TYD E . 4.17 5.30 -5.17
O4' TYD E . 4.03 4.17 -6.02
C3' TYD E . 2.75 5.66 -4.71
O3' TYD E . 2.40 6.70 -5.61
C2' TYD E . 1.95 4.38 -4.84
C1' TYD E . 2.71 3.58 -5.93
N1 TYD E . 2.79 2.10 -5.66
C2 TYD E . 2.29 1.21 -6.64
O2 TYD E . 1.81 1.63 -7.70
N3 TYD E . 2.38 -0.16 -6.36
C4 TYD E . 2.91 -0.72 -5.18
O4 TYD E . 2.93 -1.94 -5.06
C5 TYD E . 3.41 0.26 -4.21
C5M TYD E . 4.03 -0.21 -2.90
C6 TYD E . 3.34 1.60 -4.46
PA TTP F . 4.93 5.06 -1.62
O1A TTP F . 4.67 3.95 -0.65
O2A TTP F . 3.93 6.14 -1.68
O3A TTP F . 6.37 5.68 -1.30
PB TTP F . 7.03 7.10 -1.69
O1B TTP F . 8.08 6.80 -2.66
O2B TTP F . 5.96 8.00 -2.15
O3B TTP F . 7.70 7.59 -0.30
PG TTP F . 7.34 8.61 0.98
O1G TTP F . 7.09 9.97 0.48
O2G TTP F . 6.21 8.02 1.73
O3G TTP F . 8.64 8.60 1.88
O5' TTP F . 5.04 4.44 -3.09
C5' TTP F . 5.10 5.41 -4.20
C4' TTP F . 3.97 5.22 -5.25
O4' TTP F . 3.94 3.89 -5.76
C3' TTP F . 2.55 5.51 -4.74
O3' TTP F . 1.84 6.38 -5.63
C2' TTP F . 1.92 4.12 -4.57
C1' TTP F . 2.66 3.35 -5.66
N1 TTP F . 2.79 1.85 -5.35
C2 TTP F . 2.22 1.04 -6.42
O2 TTP F . 1.71 1.53 -7.45
N3 TTP F . 2.27 -0.33 -6.27
C4 TTP F . 2.81 -0.90 -5.16
O4 TTP F . 2.79 -2.24 -5.11
C5 TTP F . 3.38 -0.09 -4.08
C5M TTP F . 3.99 -0.73 -2.86
C6 TTP F . 3.33 1.25 -4.25
#